data_2NVO
#
_entry.id   2NVO
#
_cell.length_a   103.556
_cell.length_b   87.610
_cell.length_c   70.623
_cell.angle_alpha   90.00
_cell.angle_beta   96.57
_cell.angle_gamma   90.00
#
_symmetry.space_group_name_H-M   'C 1 2 1'
#
loop_
_entity.id
_entity.type
_entity.pdbx_description
1 polymer 'Ro sixty-related protein, RSR'
2 non-polymer 'CALCIUM ION'
3 water water
#
_entity_poly.entity_id   1
_entity_poly.type   'polypeptide(L)'
_entity_poly.pdbx_seq_one_letter_code
;GSHMKNLLRAINPLNRPQTERLDERQVRNNAGGFVYTVSDESRLTRFLVLGVDGGTFYASAQKHTVQATDFVRELVQRDA
ALALRVTLDVVRGQRAPKADPALLVLALIAKTAPNAADRKAAWDALPEVARTGTMLLHFLAFADALGGWGRLTRRGVANV
YETADVDKLALWAVKYKARDGWSQADALRKAHPKTDDAARNAVLKFMVDGVLPKVDSPALRVIEGHLKATEAQTDAAAAA
LMQEYRLPLEAVPTHVRGAEVYRAAMQTNGLTWLLRNLGNLGRVGVLTPNDSATVQAVIERLTDPAALKRGRIHPLDALK
ARLVYAQGQGVRGKGTWLPVPRVVDALEEAFTLAFGNVQPANTRHLLALDVSGSMTCGDVAGVPGLTPNMAAAAMSLIAL
RTEPDALTMGFAEQFRPLGITPRDTLESAMQKAQSVSFGGTDCAQPILWAAQERLDVDTFVVYTDNETWAGQVHPTVALD
QYAQKMGRAPKLIVVGLTATEFSIADPQRRDMLDVVGFDAAAPNVMTAFARGEVL
;
_entity_poly.pdbx_strand_id   A
#
loop_
_chem_comp.id
_chem_comp.type
_chem_comp.name
_chem_comp.formula
CA non-polymer 'CALCIUM ION' 'Ca 2'
#
# COMPACT_ATOMS: atom_id res chain seq x y z
N SER A 39 13.99 -22.40 5.42
CA SER A 39 13.90 -21.96 6.81
C SER A 39 12.50 -21.49 7.15
N ASP A 40 11.95 -21.97 8.27
CA ASP A 40 10.61 -21.60 8.70
C ASP A 40 10.48 -20.08 8.84
N GLU A 41 11.47 -19.47 9.48
CA GLU A 41 11.49 -18.03 9.69
C GLU A 41 11.32 -17.27 8.38
N SER A 42 12.10 -17.66 7.37
CA SER A 42 12.13 -16.94 6.12
C SER A 42 10.87 -17.20 5.29
N ARG A 43 10.40 -18.43 5.34
CA ARG A 43 9.23 -18.81 4.55
C ARG A 43 7.99 -18.14 5.12
N LEU A 44 7.90 -18.07 6.44
CA LEU A 44 6.77 -17.41 7.08
C LEU A 44 6.82 -15.90 6.87
N THR A 45 8.02 -15.32 6.93
CA THR A 45 8.15 -13.88 6.71
C THR A 45 7.66 -13.53 5.30
N ARG A 46 8.02 -14.36 4.34
CA ARG A 46 7.59 -14.11 2.96
C ARG A 46 6.07 -14.13 2.85
N PHE A 47 5.45 -15.09 3.52
CA PHE A 47 4.01 -15.17 3.52
C PHE A 47 3.38 -13.94 4.19
N LEU A 48 4.01 -13.49 5.26
CA LEU A 48 3.52 -12.31 5.99
C LEU A 48 3.59 -11.02 5.18
N VAL A 49 4.63 -10.87 4.36
CA VAL A 49 4.78 -9.67 3.56
C VAL A 49 3.97 -9.70 2.27
N LEU A 50 4.08 -10.79 1.53
CA LEU A 50 3.43 -10.90 0.22
C LEU A 50 1.98 -11.31 0.34
N GLY A 51 1.66 -12.08 1.38
CA GLY A 51 0.30 -12.56 1.56
C GLY A 51 0.09 -13.81 0.74
N VAL A 52 1.20 -14.41 0.33
CA VAL A 52 1.19 -15.64 -0.43
C VAL A 52 2.44 -16.43 -0.04
N ASP A 53 2.36 -17.76 -0.17
CA ASP A 53 3.43 -18.65 0.21
C ASP A 53 4.31 -19.02 -0.99
N GLY A 54 4.71 -18.00 -1.76
CA GLY A 54 5.54 -18.18 -2.93
C GLY A 54 6.24 -16.88 -3.25
N GLY A 55 6.91 -16.80 -4.40
CA GLY A 55 7.61 -15.57 -4.76
C GLY A 55 6.79 -14.65 -5.64
N THR A 56 5.54 -14.39 -5.26
CA THR A 56 4.66 -13.58 -6.09
C THR A 56 4.00 -12.49 -5.28
N PHE A 57 4.12 -11.24 -5.70
CA PHE A 57 3.35 -10.17 -5.09
C PHE A 57 2.19 -9.77 -6.00
N TYR A 58 0.97 -10.00 -5.55
CA TYR A 58 -0.20 -9.55 -6.26
C TYR A 58 -0.48 -8.12 -5.82
N ALA A 59 -0.13 -7.19 -6.70
CA ALA A 59 -0.03 -5.79 -6.33
C ALA A 59 -1.31 -5.25 -6.81
N SER A 60 -2.29 -5.26 -5.92
CA SER A 60 -3.60 -5.53 -6.42
C SER A 60 -4.76 -4.58 -6.23
N ALA A 61 -5.89 -5.15 -6.61
CA ALA A 61 -7.02 -4.47 -7.19
C ALA A 61 -7.72 -5.68 -7.78
N GLN A 62 -7.31 -6.84 -7.28
CA GLN A 62 -7.99 -8.10 -7.54
C GLN A 62 -8.43 -8.70 -6.20
N LYS A 63 -8.88 -9.94 -6.24
CA LYS A 63 -9.25 -10.65 -5.03
C LYS A 63 -8.01 -10.83 -4.19
N HIS A 64 -7.30 -11.90 -4.51
CA HIS A 64 -6.26 -12.48 -3.66
C HIS A 64 -6.26 -12.03 -2.20
N THR A 65 -7.29 -12.48 -1.51
CA THR A 65 -7.35 -12.42 -0.07
C THR A 65 -6.43 -13.49 0.48
N VAL A 66 -5.71 -13.15 1.54
CA VAL A 66 -4.78 -14.10 2.10
C VAL A 66 -5.55 -15.30 2.66
N GLN A 67 -5.05 -16.49 2.33
CA GLN A 67 -5.55 -17.71 2.91
C GLN A 67 -4.35 -18.44 3.47
N ALA A 68 -4.53 -19.11 4.61
CA ALA A 68 -3.43 -19.90 5.18
C ALA A 68 -3.19 -21.17 4.36
N THR A 69 -1.95 -21.44 4.04
CA THR A 69 -1.63 -22.67 3.32
C THR A 69 -1.23 -23.75 4.31
N ASP A 70 -1.01 -24.97 3.81
CA ASP A 70 -0.65 -26.09 4.68
C ASP A 70 0.62 -25.80 5.46
N PHE A 71 1.63 -25.25 4.78
CA PHE A 71 2.87 -24.97 5.48
C PHE A 71 2.63 -24.05 6.66
N VAL A 72 1.75 -23.08 6.48
CA VAL A 72 1.48 -22.10 7.53
C VAL A 72 0.77 -22.73 8.74
N ARG A 73 -0.22 -23.56 8.49
CA ARG A 73 -0.93 -24.22 9.60
C ARG A 73 0.00 -25.18 10.32
N GLU A 74 0.66 -26.03 9.54
CA GLU A 74 1.62 -26.99 10.05
C GLU A 74 2.69 -26.35 10.92
N LEU A 75 3.12 -25.15 10.52
CA LEU A 75 4.12 -24.44 11.28
C LEU A 75 3.58 -23.94 12.60
N VAL A 76 2.32 -23.51 12.60
CA VAL A 76 1.70 -22.99 13.80
C VAL A 76 1.54 -24.08 14.85
N GLN A 77 1.27 -25.31 14.38
CA GLN A 77 1.18 -26.45 15.28
C GLN A 77 2.56 -26.84 15.79
N ARG A 78 3.50 -26.97 14.86
CA ARG A 78 4.86 -27.41 15.15
C ARG A 78 5.60 -26.46 16.10
N ASP A 79 5.57 -25.17 15.80
CA ASP A 79 6.27 -24.17 16.60
C ASP A 79 5.53 -22.82 16.61
N ALA A 80 4.43 -22.76 17.35
CA ALA A 80 3.64 -21.55 17.46
C ALA A 80 4.45 -20.39 18.04
N ALA A 81 5.46 -20.71 18.86
CA ALA A 81 6.26 -19.67 19.49
C ALA A 81 7.08 -18.88 18.48
N LEU A 82 7.68 -19.55 17.51
CA LEU A 82 8.47 -18.84 16.53
C LEU A 82 7.54 -18.18 15.50
N ALA A 83 6.45 -18.86 15.18
CA ALA A 83 5.43 -18.27 14.32
C ALA A 83 5.07 -16.90 14.87
N LEU A 84 4.91 -16.82 16.18
CA LEU A 84 4.54 -15.59 16.86
C LEU A 84 5.67 -14.56 16.87
N ARG A 85 6.89 -15.03 17.10
CA ARG A 85 8.04 -14.13 17.12
C ARG A 85 8.27 -13.53 15.73
N VAL A 86 8.22 -14.38 14.72
CA VAL A 86 8.33 -13.96 13.32
C VAL A 86 7.25 -12.91 13.00
N THR A 87 6.04 -13.19 13.43
CA THR A 87 4.91 -12.29 13.16
C THR A 87 5.08 -10.92 13.80
N LEU A 88 5.55 -10.89 15.05
CA LEU A 88 5.77 -9.60 15.70
C LEU A 88 6.90 -8.82 15.05
N ASP A 89 7.98 -9.53 14.68
CA ASP A 89 9.11 -8.93 13.96
C ASP A 89 8.65 -8.24 12.68
N VAL A 90 7.76 -8.89 11.94
CA VAL A 90 7.26 -8.32 10.70
C VAL A 90 6.36 -7.11 10.96
N VAL A 91 5.45 -7.23 11.92
CA VAL A 91 4.57 -6.11 12.26
C VAL A 91 5.38 -4.87 12.63
N ARG A 92 6.33 -5.05 13.55
CA ARG A 92 7.21 -3.96 13.97
C ARG A 92 8.10 -3.42 12.84
N GLY A 93 8.56 -4.31 11.98
CA GLY A 93 9.42 -3.92 10.86
C GLY A 93 8.68 -3.14 9.80
N GLN A 94 7.35 -3.29 9.80
CA GLN A 94 6.47 -2.51 8.95
C GLN A 94 6.73 -2.63 7.45
N ARG A 95 7.19 -3.79 6.99
CA ARG A 95 7.42 -3.99 5.56
C ARG A 95 6.23 -4.62 4.83
N ALA A 96 5.26 -5.10 5.59
CA ALA A 96 4.09 -5.71 4.96
C ALA A 96 3.13 -4.64 4.43
N PRO A 97 2.83 -4.69 3.13
CA PRO A 97 1.86 -3.77 2.54
C PRO A 97 0.52 -3.86 3.26
N LYS A 98 0.16 -5.07 3.68
CA LYS A 98 -1.11 -5.29 4.34
C LYS A 98 -0.96 -6.00 5.68
N ALA A 99 -1.80 -5.63 6.64
CA ALA A 99 -1.84 -6.28 7.92
C ALA A 99 -2.50 -7.67 7.87
N ASP A 100 -3.32 -7.90 6.84
CA ASP A 100 -4.11 -9.13 6.71
C ASP A 100 -3.39 -10.43 7.08
N PRO A 101 -2.24 -10.71 6.45
CA PRO A 101 -1.56 -11.98 6.70
C PRO A 101 -1.11 -12.14 8.16
N ALA A 102 -0.68 -11.05 8.79
CA ALA A 102 -0.23 -11.07 10.17
C ALA A 102 -1.41 -11.27 11.12
N LEU A 103 -2.56 -10.68 10.74
CA LEU A 103 -3.79 -10.85 11.49
C LEU A 103 -4.27 -12.30 11.44
N LEU A 104 -4.16 -12.92 10.27
CA LEU A 104 -4.59 -14.30 10.05
C LEU A 104 -3.71 -15.25 10.83
N VAL A 105 -2.41 -15.05 10.72
CA VAL A 105 -1.45 -15.89 11.44
C VAL A 105 -1.66 -15.78 12.94
N LEU A 106 -1.86 -14.56 13.42
CA LEU A 106 -2.11 -14.30 14.83
C LEU A 106 -3.36 -15.03 15.31
N ALA A 107 -4.43 -14.96 14.52
CA ALA A 107 -5.64 -15.70 14.82
C ALA A 107 -5.35 -17.20 14.94
N LEU A 108 -4.59 -17.75 13.99
CA LEU A 108 -4.31 -19.19 13.98
C LEU A 108 -3.59 -19.61 15.27
N ILE A 109 -2.56 -18.87 15.63
CA ILE A 109 -1.83 -19.15 16.86
C ILE A 109 -2.76 -19.01 18.08
N ALA A 110 -3.37 -17.84 18.20
CA ALA A 110 -4.26 -17.55 19.33
C ALA A 110 -5.36 -18.59 19.49
N LYS A 111 -5.89 -19.09 18.38
CA LYS A 111 -7.06 -19.95 18.43
C LYS A 111 -6.73 -21.43 18.39
N THR A 112 -5.63 -21.81 17.75
CA THR A 112 -5.38 -23.23 17.50
C THR A 112 -3.98 -23.73 17.87
N ALA A 113 -3.14 -22.89 18.45
CA ALA A 113 -1.84 -23.36 18.90
C ALA A 113 -2.03 -24.39 20.01
N PRO A 114 -1.30 -25.51 19.94
CA PRO A 114 -1.44 -26.60 20.93
C PRO A 114 -1.24 -26.14 22.38
N ASN A 115 -0.32 -25.21 22.60
CA ASN A 115 0.01 -24.79 23.95
C ASN A 115 -0.78 -23.57 24.43
N ALA A 116 -1.03 -23.51 25.74
CA ALA A 116 -1.80 -22.43 26.32
C ALA A 116 -0.98 -21.17 26.43
N ALA A 117 0.31 -21.32 26.68
CA ALA A 117 1.21 -20.17 26.79
C ALA A 117 1.34 -19.45 25.44
N ASP A 118 1.24 -20.21 24.36
CA ASP A 118 1.35 -19.66 23.01
C ASP A 118 0.04 -18.97 22.58
N ARG A 119 -1.08 -19.66 22.75
CA ARG A 119 -2.38 -19.04 22.52
C ARG A 119 -2.50 -17.74 23.33
N LYS A 120 -1.95 -17.76 24.54
CA LYS A 120 -2.07 -16.62 25.44
C LYS A 120 -1.19 -15.46 24.98
N ALA A 121 0.02 -15.79 24.52
CA ALA A 121 0.96 -14.79 24.03
C ALA A 121 0.43 -14.11 22.77
N ALA A 122 -0.21 -14.89 21.91
CA ALA A 122 -0.85 -14.33 20.72
C ALA A 122 -1.91 -13.30 21.13
N TRP A 123 -2.82 -13.70 22.01
CA TRP A 123 -3.81 -12.77 22.54
C TRP A 123 -3.18 -11.51 23.13
N ASP A 124 -2.11 -11.67 23.91
CA ASP A 124 -1.45 -10.52 24.52
C ASP A 124 -0.90 -9.54 23.49
N ALA A 125 -0.58 -10.05 22.31
CA ALA A 125 -0.08 -9.21 21.22
C ALA A 125 -1.18 -8.56 20.39
N LEU A 126 -2.41 -9.05 20.51
CA LEU A 126 -3.51 -8.51 19.69
C LEU A 126 -3.63 -6.98 19.72
N PRO A 127 -3.55 -6.37 20.92
CA PRO A 127 -3.66 -4.91 20.98
C PRO A 127 -2.61 -4.18 20.14
N GLU A 128 -1.43 -4.77 20.00
CA GLU A 128 -0.39 -4.16 19.19
C GLU A 128 -0.70 -4.34 17.72
N VAL A 129 -1.03 -5.58 17.35
CA VAL A 129 -1.17 -5.96 15.94
C VAL A 129 -2.46 -5.46 15.32
N ALA A 130 -3.55 -5.50 16.09
CA ALA A 130 -4.82 -4.94 15.63
C ALA A 130 -4.88 -3.45 15.93
N ARG A 131 -4.08 -2.66 15.22
CA ARG A 131 -3.94 -1.22 15.53
C ARG A 131 -5.23 -0.43 15.39
N THR A 132 -5.96 -0.66 14.30
CA THR A 132 -7.18 0.09 14.08
C THR A 132 -8.39 -0.79 14.36
N GLY A 133 -9.54 -0.14 14.52
CA GLY A 133 -10.80 -0.82 14.72
C GLY A 133 -11.06 -1.85 13.64
N THR A 134 -10.82 -1.47 12.38
CA THR A 134 -11.02 -2.38 11.25
C THR A 134 -10.17 -3.64 11.38
N MET A 135 -8.92 -3.46 11.79
CA MET A 135 -8.03 -4.59 11.89
C MET A 135 -8.50 -5.58 12.96
N LEU A 136 -9.07 -5.06 14.04
CA LEU A 136 -9.63 -5.93 15.08
C LEU A 136 -10.84 -6.72 14.56
N LEU A 137 -11.69 -6.06 13.79
CA LEU A 137 -12.87 -6.73 13.25
C LEU A 137 -12.47 -7.76 12.20
N HIS A 138 -11.35 -7.47 11.53
CA HIS A 138 -10.82 -8.35 10.50
C HIS A 138 -10.18 -9.57 11.16
N PHE A 139 -9.48 -9.34 12.26
CA PHE A 139 -8.89 -10.42 13.03
C PHE A 139 -10.00 -11.38 13.50
N LEU A 140 -11.10 -10.82 13.98
CA LEU A 140 -12.25 -11.61 14.45
C LEU A 140 -12.89 -12.44 13.32
N ALA A 141 -12.94 -11.90 12.12
CA ALA A 141 -13.41 -12.66 10.96
C ALA A 141 -12.51 -13.87 10.69
N PHE A 142 -11.21 -13.74 10.93
CA PHE A 142 -10.29 -14.87 10.79
C PHE A 142 -10.46 -15.87 11.94
N ALA A 143 -10.61 -15.35 13.15
CA ALA A 143 -10.68 -16.19 14.34
C ALA A 143 -11.99 -16.97 14.47
N ASP A 144 -13.09 -16.41 13.96
CA ASP A 144 -14.38 -17.03 14.21
C ASP A 144 -14.53 -18.36 13.49
N ALA A 145 -13.58 -18.67 12.62
CA ALA A 145 -13.58 -19.95 11.93
C ALA A 145 -12.62 -20.94 12.58
N LEU A 146 -12.20 -20.66 13.81
CA LEU A 146 -11.19 -21.47 14.46
C LEU A 146 -11.56 -21.88 15.88
N GLY A 147 -12.64 -21.31 16.42
CA GLY A 147 -13.05 -21.63 17.77
C GLY A 147 -14.08 -20.68 18.33
N GLY A 148 -14.68 -21.06 19.46
CA GLY A 148 -15.68 -20.25 20.13
C GLY A 148 -15.11 -19.32 21.18
N TRP A 149 -15.99 -18.73 21.99
CA TRP A 149 -15.57 -17.69 22.92
C TRP A 149 -15.25 -18.23 24.32
N GLY A 150 -14.14 -18.94 24.43
CA GLY A 150 -13.65 -19.39 25.72
C GLY A 150 -13.07 -18.23 26.50
N ARG A 151 -12.56 -18.51 27.69
CA ARG A 151 -12.04 -17.47 28.58
C ARG A 151 -10.91 -16.65 27.94
N LEU A 152 -10.00 -17.33 27.25
CA LEU A 152 -8.88 -16.65 26.62
C LEU A 152 -9.39 -15.65 25.58
N THR A 153 -10.43 -16.06 24.84
CA THR A 153 -11.00 -15.21 23.81
C THR A 153 -11.72 -13.99 24.39
N ARG A 154 -12.62 -14.20 25.33
CA ARG A 154 -13.31 -13.07 25.97
C ARG A 154 -12.29 -12.07 26.52
N ARG A 155 -11.39 -12.56 27.37
CA ARG A 155 -10.35 -11.72 27.94
C ARG A 155 -9.48 -11.05 26.88
N GLY A 156 -9.00 -11.83 25.92
CA GLY A 156 -8.13 -11.31 24.87
C GLY A 156 -8.74 -10.17 24.07
N VAL A 157 -10.01 -10.32 23.69
CA VAL A 157 -10.70 -9.24 22.99
C VAL A 157 -10.97 -8.07 23.93
N ALA A 158 -11.46 -8.36 25.14
CA ALA A 158 -11.70 -7.31 26.13
C ALA A 158 -10.43 -6.50 26.39
N ASN A 159 -9.30 -7.18 26.46
CA ASN A 159 -8.03 -6.50 26.72
C ASN A 159 -7.72 -5.44 25.65
N VAL A 160 -8.15 -5.71 24.43
CA VAL A 160 -7.97 -4.75 23.35
C VAL A 160 -8.67 -3.42 23.66
N TYR A 161 -9.91 -3.49 24.12
CA TYR A 161 -10.67 -2.27 24.42
C TYR A 161 -10.20 -1.61 25.72
N GLU A 162 -9.82 -2.42 26.69
CA GLU A 162 -9.40 -1.91 27.99
C GLU A 162 -8.04 -1.22 27.94
N THR A 163 -7.28 -1.51 26.88
CA THR A 163 -5.94 -0.96 26.71
C THR A 163 -5.96 0.36 25.91
N ALA A 164 -7.06 0.63 25.22
CA ALA A 164 -7.15 1.79 24.34
C ALA A 164 -7.62 3.05 25.07
N ASP A 165 -6.96 4.17 24.81
CA ASP A 165 -7.32 5.42 25.48
C ASP A 165 -8.64 6.00 24.94
N VAL A 166 -9.21 6.93 25.71
CA VAL A 166 -10.54 7.46 25.40
C VAL A 166 -10.60 8.10 24.00
N ASP A 167 -9.45 8.53 23.49
CA ASP A 167 -9.40 9.16 22.17
C ASP A 167 -9.42 8.11 21.05
N LYS A 168 -8.69 7.01 21.22
CA LYS A 168 -8.73 5.93 20.25
C LYS A 168 -10.09 5.25 20.26
N LEU A 169 -10.68 5.12 21.44
CA LEU A 169 -12.00 4.50 21.54
C LEU A 169 -13.05 5.33 20.81
N ALA A 170 -13.00 6.65 21.02
CA ALA A 170 -13.96 7.56 20.43
C ALA A 170 -13.84 7.52 18.92
N LEU A 171 -12.60 7.43 18.45
CA LEU A 171 -12.30 7.33 17.03
C LEU A 171 -12.92 6.06 16.45
N TRP A 172 -12.73 4.94 17.13
CA TRP A 172 -13.31 3.67 16.72
C TRP A 172 -14.82 3.78 16.70
N ALA A 173 -15.37 4.54 17.65
CA ALA A 173 -16.82 4.66 17.79
C ALA A 173 -17.48 5.37 16.59
N VAL A 174 -16.71 6.22 15.92
CA VAL A 174 -17.26 7.02 14.83
C VAL A 174 -16.75 6.59 13.46
N LYS A 175 -15.61 5.91 13.44
CA LYS A 175 -14.95 5.60 12.18
C LYS A 175 -14.88 4.11 11.88
N TYR A 176 -14.72 3.28 12.91
CA TYR A 176 -14.54 1.84 12.69
C TYR A 176 -15.69 1.00 13.28
N LYS A 177 -16.92 1.51 13.15
CA LYS A 177 -18.09 0.88 13.75
C LYS A 177 -18.28 -0.57 13.33
N ALA A 178 -18.04 -0.86 12.05
CA ALA A 178 -18.30 -2.20 11.56
C ALA A 178 -17.42 -2.55 10.37
N ARG A 179 -17.23 -3.85 10.17
CA ARG A 179 -16.52 -4.33 9.02
C ARG A 179 -17.24 -5.59 8.54
N ASP A 180 -18.15 -5.41 7.59
CA ASP A 180 -18.93 -6.52 7.04
C ASP A 180 -19.80 -7.19 8.12
N GLY A 181 -19.52 -8.45 8.43
CA GLY A 181 -20.27 -9.16 9.46
C GLY A 181 -20.06 -8.60 10.86
N TRP A 182 -18.80 -8.51 11.27
CA TRP A 182 -18.42 -8.06 12.63
C TRP A 182 -18.55 -6.55 12.87
N SER A 183 -19.12 -6.18 14.01
CA SER A 183 -19.16 -4.78 14.44
C SER A 183 -18.50 -4.66 15.81
N GLN A 184 -18.14 -3.44 16.21
CA GLN A 184 -17.62 -3.22 17.56
C GLN A 184 -18.66 -3.65 18.59
N ALA A 185 -19.92 -3.35 18.31
CA ALA A 185 -21.03 -3.76 19.16
C ALA A 185 -21.05 -5.27 19.41
N ASP A 186 -20.91 -6.07 18.35
CA ASP A 186 -20.84 -7.53 18.48
C ASP A 186 -19.75 -7.96 19.44
N ALA A 187 -18.54 -7.50 19.17
CA ALA A 187 -17.37 -7.85 19.96
C ALA A 187 -17.56 -7.45 21.42
N LEU A 188 -18.10 -6.25 21.64
CA LEU A 188 -18.27 -5.72 22.99
C LEU A 188 -19.27 -6.56 23.79
N ARG A 189 -20.30 -7.06 23.13
CA ARG A 189 -21.33 -7.88 23.77
C ARG A 189 -20.79 -9.24 24.18
N LYS A 190 -19.79 -9.71 23.44
CA LYS A 190 -19.21 -11.01 23.69
C LYS A 190 -18.10 -10.89 24.74
N ALA A 191 -17.36 -9.79 24.68
CA ALA A 191 -16.14 -9.60 25.49
C ALA A 191 -16.34 -8.86 26.81
N HIS A 192 -17.35 -7.98 26.87
CA HIS A 192 -17.68 -7.19 28.06
C HIS A 192 -16.50 -6.48 28.71
N PRO A 193 -15.82 -5.58 27.98
CA PRO A 193 -14.72 -4.86 28.64
C PRO A 193 -15.20 -3.94 29.75
N LYS A 194 -14.39 -3.77 30.78
CA LYS A 194 -14.63 -2.72 31.76
C LYS A 194 -13.30 -2.07 32.16
N THR A 195 -13.25 -0.75 32.02
CA THR A 195 -12.04 -0.01 32.38
C THR A 195 -12.21 0.55 33.79
N ASP A 196 -11.14 1.12 34.32
CA ASP A 196 -11.20 1.77 35.61
C ASP A 196 -11.93 3.11 35.48
N ASP A 197 -11.77 3.79 34.34
CA ASP A 197 -12.28 5.15 34.23
C ASP A 197 -13.63 5.26 33.54
N ALA A 198 -14.48 6.12 34.09
CA ALA A 198 -15.86 6.25 33.66
C ALA A 198 -15.99 6.76 32.22
N ALA A 199 -15.03 7.58 31.80
CA ALA A 199 -15.05 8.14 30.45
C ALA A 199 -15.00 7.01 29.42
N ARG A 200 -14.01 6.15 29.54
CA ARG A 200 -13.86 5.05 28.61
C ARG A 200 -15.02 4.06 28.66
N ASN A 201 -15.54 3.80 29.86
CA ASN A 201 -16.70 2.93 30.01
C ASN A 201 -17.91 3.54 29.32
N ALA A 202 -17.96 4.87 29.34
CA ALA A 202 -19.04 5.62 28.72
C ALA A 202 -19.01 5.47 27.20
N VAL A 203 -17.81 5.49 26.61
CA VAL A 203 -17.69 5.34 25.16
C VAL A 203 -17.91 3.90 24.74
N LEU A 204 -17.56 2.97 25.62
CA LEU A 204 -17.80 1.56 25.35
C LEU A 204 -19.30 1.33 25.35
N LYS A 205 -19.99 1.90 26.34
CA LYS A 205 -21.44 1.81 26.41
C LYS A 205 -22.07 2.41 25.15
N PHE A 206 -21.55 3.55 24.70
CA PHE A 206 -22.10 4.19 23.50
C PHE A 206 -21.91 3.31 22.27
N MET A 207 -20.77 2.65 22.20
CA MET A 207 -20.43 1.79 21.07
C MET A 207 -21.38 0.61 20.97
N VAL A 208 -22.02 0.27 22.09
CA VAL A 208 -22.99 -0.80 22.12
C VAL A 208 -24.43 -0.30 21.91
N ASP A 209 -24.81 0.79 22.56
CA ASP A 209 -26.21 1.19 22.51
C ASP A 209 -26.49 2.51 21.76
N GLY A 210 -25.44 3.13 21.25
CA GLY A 210 -25.59 4.33 20.43
C GLY A 210 -26.22 5.53 21.12
N VAL A 211 -26.48 5.41 22.42
CA VAL A 211 -27.10 6.49 23.17
C VAL A 211 -26.04 7.45 23.68
N LEU A 212 -26.21 8.74 23.37
CA LEU A 212 -25.24 9.75 23.75
C LEU A 212 -25.40 10.16 25.21
N PRO A 213 -24.30 10.08 25.98
CA PRO A 213 -24.29 10.47 27.39
C PRO A 213 -23.84 11.91 27.47
N LYS A 214 -22.99 12.21 28.45
CA LYS A 214 -22.21 13.46 28.47
C LYS A 214 -21.26 13.59 29.66
N VAL A 215 -20.19 12.81 29.65
CA VAL A 215 -19.03 13.09 30.48
C VAL A 215 -18.41 14.36 29.91
N ASP A 216 -17.44 14.16 29.01
CA ASP A 216 -16.93 15.18 28.09
C ASP A 216 -15.59 14.75 27.49
N SER A 217 -14.51 14.97 28.23
CA SER A 217 -13.18 14.48 27.84
C SER A 217 -12.91 14.73 26.36
N PRO A 218 -13.50 15.81 25.82
CA PRO A 218 -13.89 16.08 24.42
C PRO A 218 -13.85 14.88 23.46
N ALA A 219 -13.81 13.67 24.01
CA ALA A 219 -13.89 12.45 23.21
C ALA A 219 -15.36 12.31 22.84
N LEU A 220 -16.24 12.67 23.79
CA LEU A 220 -17.66 12.69 23.52
C LEU A 220 -17.96 13.80 22.55
N ARG A 221 -17.13 14.84 22.59
CA ARG A 221 -17.29 15.98 21.70
C ARG A 221 -17.26 15.49 20.26
N VAL A 222 -16.19 14.77 19.90
CA VAL A 222 -16.08 14.24 18.55
C VAL A 222 -17.27 13.33 18.24
N ILE A 223 -17.74 12.61 19.25
CA ILE A 223 -18.91 11.77 19.09
C ILE A 223 -20.18 12.57 18.81
N GLU A 224 -20.46 13.57 19.65
CA GLU A 224 -21.62 14.43 19.43
C GLU A 224 -21.56 15.06 18.04
N GLY A 225 -20.37 15.55 17.69
CA GLY A 225 -20.14 16.18 16.41
C GLY A 225 -20.47 15.26 15.25
N HIS A 226 -20.00 14.02 15.31
CA HIS A 226 -20.27 13.04 14.27
C HIS A 226 -21.75 12.72 14.20
N LEU A 227 -22.40 12.67 15.35
CA LEU A 227 -23.84 12.42 15.40
C LEU A 227 -24.58 13.50 14.61
N LYS A 228 -24.44 14.74 15.06
CA LYS A 228 -25.06 15.88 14.39
C LYS A 228 -24.68 15.97 12.92
N ALA A 229 -23.44 15.66 12.60
CA ALA A 229 -22.96 15.72 11.22
C ALA A 229 -23.80 14.85 10.30
N THR A 230 -24.23 13.69 10.78
CA THR A 230 -25.01 12.78 9.96
C THR A 230 -26.37 13.38 9.62
N GLU A 231 -26.74 14.43 10.34
CA GLU A 231 -28.03 15.09 10.18
C GLU A 231 -27.89 16.50 9.61
N ALA A 232 -27.10 16.65 8.54
CA ALA A 232 -26.69 17.97 8.06
C ALA A 232 -27.67 18.66 7.11
N GLN A 233 -27.90 18.04 5.97
CA GLN A 233 -28.80 18.57 4.93
C GLN A 233 -28.21 19.75 4.16
N THR A 234 -27.31 20.50 4.79
CA THR A 234 -26.67 21.62 4.11
C THR A 234 -25.14 21.57 4.17
N ASP A 235 -24.51 21.94 3.06
CA ASP A 235 -23.07 22.02 2.94
C ASP A 235 -22.47 22.95 4.00
N ALA A 236 -23.19 24.04 4.29
CA ALA A 236 -22.72 25.06 5.23
C ALA A 236 -22.76 24.62 6.69
N ALA A 237 -23.87 24.02 7.12
CA ALA A 237 -23.97 23.54 8.51
C ALA A 237 -22.96 22.43 8.73
N ALA A 238 -22.82 21.55 7.75
CA ALA A 238 -21.83 20.49 7.81
C ALA A 238 -20.45 21.11 8.01
N ALA A 239 -20.10 22.07 7.17
CA ALA A 239 -18.82 22.75 7.27
C ALA A 239 -18.65 23.39 8.65
N ALA A 240 -19.64 24.16 9.07
CA ALA A 240 -19.61 24.81 10.37
C ALA A 240 -19.44 23.76 11.48
N LEU A 241 -19.94 22.56 11.21
CA LEU A 241 -19.91 21.48 12.18
C LEU A 241 -18.53 20.85 12.37
N MET A 242 -17.86 20.52 11.28
CA MET A 242 -16.50 20.00 11.40
C MET A 242 -15.56 21.08 11.87
N GLN A 243 -15.85 22.32 11.49
CA GLN A 243 -15.12 23.47 12.03
C GLN A 243 -15.24 23.48 13.54
N GLU A 244 -16.46 23.42 14.06
CA GLU A 244 -16.64 23.40 15.49
C GLU A 244 -16.02 22.16 16.13
N TYR A 245 -16.13 21.03 15.43
CA TYR A 245 -15.85 19.73 16.04
C TYR A 245 -14.62 18.99 15.52
N ARG A 246 -13.75 19.68 14.79
CA ARG A 246 -12.52 19.07 14.23
C ARG A 246 -12.79 17.80 13.43
N LEU A 247 -13.98 17.71 12.84
CA LEU A 247 -14.43 16.47 12.21
C LEU A 247 -13.87 16.22 10.81
N PRO A 248 -13.54 14.95 10.52
CA PRO A 248 -13.09 14.47 9.21
C PRO A 248 -14.16 14.62 8.13
N LEU A 249 -13.72 14.75 6.88
CA LEU A 249 -14.62 14.84 5.73
C LEU A 249 -15.53 13.61 5.65
N GLU A 250 -15.10 12.53 6.28
CA GLU A 250 -15.87 11.30 6.34
C GLU A 250 -17.22 11.55 7.01
N ALA A 251 -17.20 12.35 8.07
CA ALA A 251 -18.38 12.60 8.90
C ALA A 251 -19.52 13.25 8.13
N VAL A 252 -19.21 13.78 6.95
CA VAL A 252 -20.20 14.52 6.17
C VAL A 252 -20.88 13.66 5.11
N PRO A 253 -22.20 13.55 5.18
CA PRO A 253 -22.97 12.79 4.19
C PRO A 253 -22.58 13.20 2.78
N THR A 254 -22.34 12.20 1.93
CA THR A 254 -21.97 12.43 0.55
C THR A 254 -22.88 13.46 -0.14
N HIS A 255 -24.14 13.52 0.30
CA HIS A 255 -25.12 14.41 -0.33
C HIS A 255 -24.87 15.91 -0.09
N VAL A 256 -24.05 16.23 0.91
CA VAL A 256 -23.86 17.64 1.28
C VAL A 256 -22.41 18.15 1.22
N ARG A 257 -21.48 17.34 0.74
CA ARG A 257 -20.07 17.75 0.66
C ARG A 257 -19.85 18.74 -0.47
N GLY A 258 -20.09 20.02 -0.20
CA GLY A 258 -19.91 21.04 -1.20
C GLY A 258 -18.62 21.79 -0.99
N ALA A 259 -18.50 22.94 -1.64
CA ALA A 259 -17.30 23.77 -1.56
C ALA A 259 -16.83 23.97 -0.13
N GLU A 260 -17.74 24.44 0.73
CA GLU A 260 -17.36 24.79 2.10
C GLU A 260 -16.89 23.57 2.89
N VAL A 261 -17.43 22.41 2.52
CA VAL A 261 -17.05 21.16 3.17
C VAL A 261 -15.64 20.75 2.76
N TYR A 262 -15.32 20.92 1.49
CA TYR A 262 -13.99 20.58 1.00
C TYR A 262 -12.96 21.63 1.39
N ARG A 263 -13.33 22.90 1.19
CA ARG A 263 -12.55 24.02 1.72
C ARG A 263 -12.13 23.70 3.15
N ALA A 264 -13.09 23.26 3.95
CA ALA A 264 -12.85 22.98 5.36
C ALA A 264 -11.91 21.79 5.53
N ALA A 265 -12.05 20.81 4.65
CA ALA A 265 -11.28 19.57 4.74
C ALA A 265 -9.79 19.80 4.42
N MET A 266 -9.52 20.67 3.46
CA MET A 266 -8.16 21.04 3.11
C MET A 266 -7.35 21.50 4.30
N GLN A 267 -7.92 22.47 5.02
CA GLN A 267 -7.22 23.13 6.13
C GLN A 267 -6.93 22.16 7.24
N THR A 268 -7.52 20.98 7.18
CA THR A 268 -7.42 20.01 8.27
C THR A 268 -6.81 18.68 7.83
N ASN A 269 -6.23 18.65 6.64
CA ASN A 269 -5.57 17.42 6.20
C ASN A 269 -4.20 17.63 5.59
N GLY A 270 -3.39 16.59 5.63
CA GLY A 270 -2.04 16.63 5.09
C GLY A 270 -1.95 16.49 3.59
N LEU A 271 -0.74 16.24 3.12
CA LEU A 271 -0.41 16.22 1.70
C LEU A 271 -0.98 15.00 0.97
N THR A 272 -0.91 13.85 1.60
CA THR A 272 -1.46 12.64 1.01
C THR A 272 -2.93 12.83 0.66
N TRP A 273 -3.70 13.32 1.62
CA TRP A 273 -5.11 13.65 1.41
C TRP A 273 -5.25 14.59 0.24
N LEU A 274 -4.45 15.65 0.25
CA LEU A 274 -4.50 16.66 -0.79
C LEU A 274 -4.27 16.06 -2.17
N LEU A 275 -3.28 15.17 -2.26
CA LEU A 275 -2.95 14.54 -3.53
C LEU A 275 -4.13 13.78 -4.12
N ARG A 276 -4.84 13.01 -3.30
CA ARG A 276 -5.97 12.25 -3.81
C ARG A 276 -7.27 13.05 -3.89
N ASN A 277 -7.24 14.33 -3.54
CA ASN A 277 -8.46 15.11 -3.49
C ASN A 277 -8.54 16.31 -4.42
N LEU A 278 -7.51 16.49 -5.26
CA LEU A 278 -7.50 17.58 -6.21
C LEU A 278 -8.74 17.60 -7.12
N GLY A 279 -9.16 16.44 -7.60
CA GLY A 279 -10.33 16.36 -8.46
C GLY A 279 -11.59 16.76 -7.70
N ASN A 280 -11.74 16.22 -6.51
CA ASN A 280 -12.85 16.58 -5.62
C ASN A 280 -12.94 18.09 -5.33
N LEU A 281 -11.83 18.80 -5.50
CA LEU A 281 -11.75 20.23 -5.24
C LEU A 281 -12.07 21.02 -6.49
N GLY A 282 -11.71 20.48 -7.64
CA GLY A 282 -12.04 21.11 -8.90
C GLY A 282 -13.54 21.00 -9.09
N ARG A 283 -14.11 19.91 -8.59
CA ARG A 283 -15.51 19.58 -8.80
C ARG A 283 -16.39 20.47 -7.94
N VAL A 284 -16.18 20.42 -6.63
CA VAL A 284 -16.92 21.25 -5.69
C VAL A 284 -16.59 22.73 -5.77
N GLY A 285 -15.98 23.15 -6.88
CA GLY A 285 -15.81 24.56 -7.20
C GLY A 285 -14.81 25.34 -6.35
N VAL A 286 -13.94 24.63 -5.64
CA VAL A 286 -12.92 25.26 -4.81
C VAL A 286 -11.64 25.62 -5.58
N LEU A 287 -11.25 24.78 -6.54
CA LEU A 287 -9.97 24.88 -7.21
C LEU A 287 -10.16 25.10 -8.72
N THR A 288 -10.16 26.36 -9.13
CA THR A 288 -10.47 26.72 -10.52
C THR A 288 -9.45 27.69 -11.11
N PRO A 289 -9.26 27.62 -12.43
CA PRO A 289 -8.21 28.34 -13.17
C PRO A 289 -8.22 29.86 -13.02
N ASN A 290 -9.28 30.43 -12.47
CA ASN A 290 -9.35 31.87 -12.29
C ASN A 290 -9.42 32.31 -10.83
N ASP A 291 -9.15 31.37 -9.92
CA ASP A 291 -9.20 31.62 -8.47
C ASP A 291 -7.82 31.46 -7.79
N SER A 292 -6.94 32.41 -8.07
CA SER A 292 -5.52 32.27 -7.77
C SER A 292 -5.10 32.00 -6.32
N ALA A 293 -5.81 32.52 -5.33
CA ALA A 293 -5.36 32.37 -3.95
C ALA A 293 -5.29 30.90 -3.50
N THR A 294 -6.36 30.17 -3.76
CA THR A 294 -6.41 28.77 -3.38
C THR A 294 -5.44 27.97 -4.24
N VAL A 295 -5.41 28.28 -5.53
CA VAL A 295 -4.48 27.66 -6.47
C VAL A 295 -3.02 27.80 -5.98
N GLN A 296 -2.61 29.02 -5.60
CA GLN A 296 -1.24 29.19 -5.13
C GLN A 296 -1.00 28.42 -3.85
N ALA A 297 -2.00 28.41 -2.98
CA ALA A 297 -1.86 27.73 -1.71
C ALA A 297 -1.72 26.22 -1.95
N VAL A 298 -2.47 25.70 -2.92
CA VAL A 298 -2.30 24.27 -3.25
C VAL A 298 -0.90 24.02 -3.81
N ILE A 299 -0.47 24.82 -4.78
CA ILE A 299 0.87 24.68 -5.34
C ILE A 299 1.96 24.66 -4.26
N GLU A 300 1.87 25.58 -3.30
CA GLU A 300 2.86 25.64 -2.23
C GLU A 300 2.90 24.37 -1.37
N ARG A 301 1.73 23.79 -1.09
CA ARG A 301 1.72 22.55 -0.33
C ARG A 301 2.27 21.38 -1.14
N LEU A 302 1.95 21.34 -2.42
CA LEU A 302 2.32 20.22 -3.30
C LEU A 302 3.82 20.14 -3.51
N THR A 303 4.50 21.28 -3.40
CA THR A 303 5.92 21.36 -3.68
C THR A 303 6.74 21.69 -2.43
N ASP A 304 6.12 21.58 -1.27
CA ASP A 304 6.81 21.82 -0.01
C ASP A 304 7.73 20.64 0.32
N PRO A 305 9.05 20.84 0.24
CA PRO A 305 9.98 19.73 0.44
C PRO A 305 9.83 19.06 1.79
N ALA A 306 9.59 19.85 2.83
CA ALA A 306 9.43 19.31 4.16
C ALA A 306 8.15 18.49 4.30
N ALA A 307 7.11 18.89 3.59
CA ALA A 307 5.85 18.17 3.67
C ALA A 307 5.92 16.91 2.80
N LEU A 308 6.63 16.99 1.68
CA LEU A 308 6.89 15.83 0.83
C LEU A 308 7.66 14.75 1.62
N LYS A 309 8.72 15.17 2.31
CA LYS A 309 9.55 14.25 3.07
C LYS A 309 8.80 13.58 4.22
N ARG A 310 8.13 14.40 5.03
CA ARG A 310 7.43 13.90 6.21
C ARG A 310 6.25 13.01 5.82
N GLY A 311 5.62 13.32 4.69
CA GLY A 311 4.52 12.53 4.19
C GLY A 311 5.01 11.32 3.39
N ARG A 312 6.32 11.24 3.20
CA ARG A 312 6.92 10.11 2.50
C ARG A 312 6.27 9.88 1.12
N ILE A 313 6.09 10.97 0.38
CA ILE A 313 5.48 10.89 -0.95
C ILE A 313 6.44 10.27 -1.95
N HIS A 314 6.00 9.21 -2.60
CA HIS A 314 6.81 8.52 -3.58
C HIS A 314 6.59 9.24 -4.90
N PRO A 315 7.59 9.27 -5.78
CA PRO A 315 7.38 9.94 -7.06
C PRO A 315 6.13 9.43 -7.81
N LEU A 316 5.87 8.12 -7.78
CA LEU A 316 4.66 7.56 -8.40
C LEU A 316 3.36 8.05 -7.75
N ASP A 317 3.41 8.41 -6.48
CA ASP A 317 2.28 9.04 -5.82
C ASP A 317 1.96 10.36 -6.49
N ALA A 318 3.01 11.13 -6.81
CA ALA A 318 2.79 12.41 -7.46
C ALA A 318 2.36 12.20 -8.90
N LEU A 319 2.95 11.20 -9.57
CA LEU A 319 2.57 10.93 -10.96
C LEU A 319 1.09 10.53 -11.00
N LYS A 320 0.68 9.63 -10.11
CA LYS A 320 -0.73 9.20 -10.09
C LYS A 320 -1.66 10.39 -9.83
N ALA A 321 -1.32 11.23 -8.86
CA ALA A 321 -2.17 12.39 -8.56
C ALA A 321 -2.31 13.30 -9.77
N ARG A 322 -1.22 13.53 -10.49
CA ARG A 322 -1.27 14.37 -11.68
C ARG A 322 -2.18 13.77 -12.76
N LEU A 323 -1.99 12.49 -13.05
CA LEU A 323 -2.76 11.84 -14.11
C LEU A 323 -4.23 11.82 -13.73
N VAL A 324 -4.55 11.43 -12.50
CA VAL A 324 -5.93 11.39 -12.02
C VAL A 324 -6.58 12.76 -12.13
N TYR A 325 -5.87 13.77 -11.64
CA TYR A 325 -6.36 15.13 -11.64
C TYR A 325 -6.53 15.70 -13.03
N ALA A 326 -5.60 15.41 -13.93
CA ALA A 326 -5.62 16.03 -15.24
C ALA A 326 -6.76 15.53 -16.11
N GLN A 327 -7.39 14.45 -15.68
CA GLN A 327 -8.51 13.87 -16.42
C GLN A 327 -9.74 14.79 -16.37
N GLY A 328 -9.92 15.45 -15.23
CA GLY A 328 -11.03 16.37 -15.05
C GLY A 328 -12.35 15.63 -14.94
N GLN A 329 -12.25 14.32 -14.68
CA GLN A 329 -13.41 13.45 -14.58
C GLN A 329 -12.97 12.22 -13.80
N GLY A 330 -13.80 11.80 -12.86
CA GLY A 330 -13.45 10.67 -12.01
C GLY A 330 -14.00 9.33 -12.46
N VAL A 331 -13.97 8.38 -11.52
CA VAL A 331 -14.50 7.03 -11.76
C VAL A 331 -16.03 7.09 -11.73
N ARG A 332 -16.68 5.94 -11.68
CA ARG A 332 -18.15 5.87 -11.68
C ARG A 332 -18.76 6.95 -10.78
N GLY A 333 -19.85 7.54 -11.24
CA GLY A 333 -20.67 8.38 -10.39
C GLY A 333 -20.04 9.66 -9.84
N LYS A 334 -18.76 9.86 -10.12
CA LYS A 334 -18.15 11.14 -9.81
C LYS A 334 -18.59 12.13 -10.88
N GLY A 335 -18.31 13.41 -10.64
CA GLY A 335 -18.67 14.43 -11.59
C GLY A 335 -17.47 14.80 -12.44
N THR A 336 -17.39 16.07 -12.79
CA THR A 336 -16.26 16.57 -13.54
C THR A 336 -15.69 17.80 -12.84
N TRP A 337 -14.55 18.27 -13.34
CA TRP A 337 -13.90 19.48 -12.84
C TRP A 337 -13.02 20.03 -13.92
N LEU A 338 -12.50 21.24 -13.72
CA LEU A 338 -11.61 21.85 -14.69
C LEU A 338 -10.19 21.92 -14.12
N PRO A 339 -9.31 21.00 -14.56
CA PRO A 339 -7.94 20.91 -14.06
C PRO A 339 -7.24 22.25 -14.24
N VAL A 340 -6.63 22.76 -13.17
CA VAL A 340 -5.84 23.98 -13.27
C VAL A 340 -4.43 23.64 -13.72
N PRO A 341 -4.00 24.19 -14.86
CA PRO A 341 -2.71 23.84 -15.48
C PRO A 341 -1.52 23.99 -14.55
N ARG A 342 -1.43 25.11 -13.83
CA ARG A 342 -0.27 25.32 -12.98
C ARG A 342 -0.23 24.36 -11.79
N VAL A 343 -1.38 23.75 -11.46
CA VAL A 343 -1.42 22.71 -10.42
C VAL A 343 -0.86 21.42 -11.02
N VAL A 344 -1.31 21.09 -12.23
CA VAL A 344 -0.71 19.98 -12.96
C VAL A 344 0.79 20.15 -13.05
N ASP A 345 1.23 21.38 -13.33
CA ASP A 345 2.66 21.71 -13.38
C ASP A 345 3.35 21.45 -12.05
N ALA A 346 2.71 21.82 -10.95
CA ALA A 346 3.34 21.69 -9.64
C ALA A 346 3.51 20.21 -9.30
N LEU A 347 2.58 19.41 -9.78
CA LEU A 347 2.65 17.95 -9.58
C LEU A 347 3.84 17.35 -10.32
N GLU A 348 4.22 17.94 -11.45
CA GLU A 348 5.43 17.52 -12.14
C GLU A 348 6.65 17.84 -11.32
N GLU A 349 6.61 18.95 -10.58
CA GLU A 349 7.69 19.32 -9.70
C GLU A 349 7.75 18.42 -8.47
N ALA A 350 6.59 18.11 -7.90
CA ALA A 350 6.50 17.18 -6.76
C ALA A 350 7.13 15.82 -7.12
N PHE A 351 6.86 15.36 -8.34
CA PHE A 351 7.43 14.11 -8.83
C PHE A 351 8.96 14.13 -8.71
N THR A 352 9.58 15.16 -9.24
CA THR A 352 11.05 15.30 -9.20
C THR A 352 11.55 15.43 -7.76
N LEU A 353 10.88 16.22 -6.95
CA LEU A 353 11.29 16.44 -5.56
C LEU A 353 11.18 15.19 -4.71
N ALA A 354 10.24 14.32 -5.05
CA ALA A 354 10.01 13.11 -4.28
C ALA A 354 11.14 12.06 -4.41
N PHE A 355 11.94 12.14 -5.46
CA PHE A 355 13.07 11.22 -5.63
C PHE A 355 14.00 11.24 -4.43
N GLY A 356 14.18 12.42 -3.84
CA GLY A 356 15.06 12.58 -2.70
C GLY A 356 14.62 11.82 -1.47
N ASN A 357 13.38 11.35 -1.46
CA ASN A 357 12.85 10.62 -0.31
C ASN A 357 12.58 9.13 -0.54
N VAL A 358 13.04 8.60 -1.67
CA VAL A 358 12.93 7.16 -1.93
C VAL A 358 13.98 6.38 -1.14
N GLN A 359 13.55 5.35 -0.41
CA GLN A 359 14.52 4.47 0.26
C GLN A 359 15.05 3.42 -0.72
N PRO A 360 16.32 3.56 -1.10
CA PRO A 360 17.00 2.71 -2.10
C PRO A 360 17.28 1.31 -1.58
N ALA A 361 17.40 0.35 -2.49
CA ALA A 361 17.86 -0.97 -2.12
C ALA A 361 19.34 -0.91 -1.74
N ASN A 362 20.04 0.04 -2.32
CA ASN A 362 21.49 0.10 -2.25
C ASN A 362 22.13 -1.15 -2.85
N THR A 363 21.64 -1.56 -4.02
CA THR A 363 22.20 -2.67 -4.75
C THR A 363 22.40 -2.21 -6.18
N ARG A 364 23.20 -2.95 -6.93
CA ARG A 364 23.49 -2.59 -8.30
C ARG A 364 22.43 -3.24 -9.18
N HIS A 365 21.70 -2.41 -9.91
CA HIS A 365 20.51 -2.87 -10.64
C HIS A 365 20.79 -2.90 -12.13
N LEU A 366 20.21 -3.88 -12.82
CA LEU A 366 20.13 -3.85 -14.27
C LEU A 366 18.62 -3.95 -14.58
N LEU A 367 18.10 -2.92 -15.23
CA LEU A 367 16.65 -2.84 -15.51
C LEU A 367 16.49 -3.16 -16.99
N ALA A 368 15.71 -4.18 -17.29
CA ALA A 368 15.48 -4.58 -18.67
C ALA A 368 14.01 -4.26 -18.99
N LEU A 369 13.80 -3.30 -19.88
CA LEU A 369 12.50 -2.79 -20.24
C LEU A 369 12.01 -3.41 -21.54
N ASP A 370 10.79 -3.92 -21.50
CA ASP A 370 10.01 -4.21 -22.68
C ASP A 370 9.81 -2.85 -23.40
N VAL A 371 10.19 -2.77 -24.66
CA VAL A 371 10.10 -1.52 -25.42
C VAL A 371 9.15 -1.61 -26.61
N SER A 372 8.34 -2.66 -26.64
CA SER A 372 7.41 -2.86 -27.77
C SER A 372 6.20 -1.95 -27.64
N GLY A 373 5.44 -1.84 -28.74
CA GLY A 373 4.34 -0.89 -28.82
C GLY A 373 3.21 -1.05 -27.82
N SER A 374 2.92 -2.29 -27.42
CA SER A 374 1.83 -2.49 -26.48
C SER A 374 2.12 -1.84 -25.12
N MET A 375 3.39 -1.54 -24.85
CA MET A 375 3.76 -0.87 -23.59
C MET A 375 3.09 0.51 -23.52
N THR A 376 2.67 1.05 -24.66
CA THR A 376 1.96 2.34 -24.69
C THR A 376 0.44 2.20 -24.44
N CYS A 377 -0.03 0.98 -24.17
CA CYS A 377 -1.45 0.75 -23.90
C CYS A 377 -1.68 0.34 -22.47
N GLY A 378 -2.77 0.80 -21.86
CA GLY A 378 -3.14 0.31 -20.55
C GLY A 378 -3.06 1.34 -19.43
N ASP A 379 -3.84 1.13 -18.39
CA ASP A 379 -3.86 2.01 -17.21
C ASP A 379 -3.32 1.26 -16.03
N VAL A 380 -2.03 1.40 -15.78
CA VAL A 380 -1.40 0.65 -14.70
C VAL A 380 -2.00 1.06 -13.36
N ALA A 381 -2.32 0.05 -12.55
CA ALA A 381 -2.88 0.27 -11.22
C ALA A 381 -4.21 1.02 -11.28
N GLY A 382 -4.92 0.91 -12.40
CA GLY A 382 -6.16 1.63 -12.62
C GLY A 382 -5.98 3.13 -12.75
N VAL A 383 -4.74 3.60 -12.92
CA VAL A 383 -4.49 5.03 -13.06
C VAL A 383 -4.61 5.47 -14.50
N PRO A 384 -5.60 6.34 -14.80
CA PRO A 384 -5.87 6.69 -16.20
C PRO A 384 -4.65 7.32 -16.87
N GLY A 385 -4.19 6.74 -17.97
CA GLY A 385 -3.05 7.27 -18.67
C GLY A 385 -1.69 6.79 -18.17
N LEU A 386 -1.66 6.05 -17.06
CA LEU A 386 -0.35 5.56 -16.58
C LEU A 386 0.03 4.31 -17.39
N THR A 387 0.62 4.51 -18.54
CA THR A 387 0.97 3.37 -19.41
C THR A 387 2.10 2.54 -18.82
N PRO A 388 2.15 1.24 -19.17
CA PRO A 388 3.31 0.47 -18.70
C PRO A 388 4.63 1.16 -19.07
N ASN A 389 4.69 1.77 -20.26
CA ASN A 389 5.88 2.47 -20.72
C ASN A 389 6.22 3.64 -19.78
N MET A 390 5.20 4.42 -19.43
CA MET A 390 5.40 5.52 -18.49
C MET A 390 5.84 5.01 -17.11
N ALA A 391 5.19 3.96 -16.62
CA ALA A 391 5.52 3.42 -15.30
C ALA A 391 6.97 2.91 -15.25
N ALA A 392 7.36 2.15 -16.27
CA ALA A 392 8.70 1.59 -16.36
C ALA A 392 9.78 2.69 -16.50
N ALA A 393 9.46 3.74 -17.26
CA ALA A 393 10.37 4.88 -17.40
C ALA A 393 10.53 5.62 -16.09
N ALA A 394 9.43 5.78 -15.36
CA ALA A 394 9.44 6.39 -14.03
C ALA A 394 10.35 5.58 -13.08
N MET A 395 10.15 4.25 -13.05
CA MET A 395 10.92 3.38 -12.17
C MET A 395 12.41 3.35 -12.57
N SER A 396 12.68 3.49 -13.87
CA SER A 396 14.06 3.55 -14.37
C SER A 396 14.75 4.81 -13.85
N LEU A 397 14.09 5.95 -13.99
CA LEU A 397 14.61 7.21 -13.47
C LEU A 397 14.89 7.12 -11.97
N ILE A 398 13.95 6.54 -11.23
CA ILE A 398 14.14 6.30 -9.80
C ILE A 398 15.41 5.49 -9.49
N ALA A 399 15.57 4.35 -10.16
CA ALA A 399 16.77 3.53 -9.99
C ALA A 399 18.05 4.31 -10.33
N LEU A 400 18.06 4.91 -11.52
CA LEU A 400 19.21 5.68 -11.97
C LEU A 400 19.61 6.78 -10.98
N ARG A 401 18.62 7.41 -10.36
CA ARG A 401 18.88 8.52 -9.46
C ARG A 401 19.14 8.11 -8.00
N THR A 402 18.81 6.88 -7.62
CA THR A 402 18.81 6.53 -6.18
C THR A 402 19.61 5.31 -5.80
N GLU A 403 19.91 4.44 -6.77
CA GLU A 403 20.67 3.24 -6.48
C GLU A 403 22.14 3.48 -6.78
N PRO A 404 23.04 2.69 -6.13
CA PRO A 404 24.50 2.80 -6.29
C PRO A 404 24.85 2.72 -7.75
N ASP A 405 24.18 1.79 -8.43
CA ASP A 405 24.37 1.66 -9.85
C ASP A 405 23.09 1.16 -10.49
N ALA A 406 22.89 1.56 -11.73
CA ALA A 406 21.73 1.09 -12.45
C ALA A 406 22.08 1.23 -13.91
N LEU A 407 21.66 0.28 -14.71
CA LEU A 407 21.87 0.41 -16.14
C LEU A 407 20.54 -0.04 -16.71
N THR A 408 20.02 0.65 -17.72
CA THR A 408 18.77 0.21 -18.38
C THR A 408 19.02 -0.34 -19.77
N MET A 409 18.50 -1.54 -20.01
CA MET A 409 18.60 -2.21 -21.27
C MET A 409 17.16 -2.37 -21.80
N GLY A 410 17.05 -2.71 -23.08
CA GLY A 410 15.76 -2.90 -23.71
C GLY A 410 15.78 -4.11 -24.62
N PHE A 411 14.61 -4.75 -24.76
CA PHE A 411 14.47 -5.92 -25.62
C PHE A 411 14.13 -5.44 -27.04
N ALA A 412 15.06 -4.75 -27.65
CA ALA A 412 14.85 -4.08 -28.94
C ALA A 412 15.24 -4.95 -30.13
N GLU A 413 15.65 -4.30 -31.23
CA GLU A 413 16.24 -5.00 -32.38
C GLU A 413 17.12 -6.12 -31.85
N GLN A 414 18.02 -5.73 -30.97
CA GLN A 414 18.69 -6.69 -30.13
C GLN A 414 18.69 -6.15 -28.71
N PHE A 415 19.16 -6.97 -27.78
CA PHE A 415 19.20 -6.59 -26.38
C PHE A 415 20.28 -5.55 -26.20
N ARG A 416 19.89 -4.33 -25.87
CA ARG A 416 20.84 -3.24 -25.92
C ARG A 416 20.50 -2.20 -24.87
N PRO A 417 21.44 -1.29 -24.60
CA PRO A 417 21.25 -0.19 -23.66
C PRO A 417 20.24 0.78 -24.21
N LEU A 418 19.45 1.39 -23.34
CA LEU A 418 18.45 2.35 -23.78
C LEU A 418 19.04 3.75 -23.69
N GLY A 419 20.13 3.89 -22.95
CA GLY A 419 20.79 5.17 -22.83
C GLY A 419 20.00 6.18 -22.01
N ILE A 420 19.12 5.69 -21.14
CA ILE A 420 18.45 6.57 -20.20
C ILE A 420 19.41 6.95 -19.09
N THR A 421 19.43 8.22 -18.73
CA THR A 421 20.30 8.68 -17.65
C THR A 421 19.52 9.50 -16.64
N PRO A 422 20.16 9.82 -15.50
CA PRO A 422 19.53 10.62 -14.46
C PRO A 422 19.21 12.01 -14.96
N ARG A 423 19.75 12.40 -16.10
CA ARG A 423 19.46 13.71 -16.68
C ARG A 423 18.19 13.72 -17.51
N ASP A 424 17.68 12.54 -17.84
CA ASP A 424 16.47 12.43 -18.63
C ASP A 424 15.26 12.93 -17.86
N THR A 425 14.23 13.35 -18.59
CA THR A 425 12.92 13.57 -17.99
C THR A 425 12.08 12.29 -18.17
N LEU A 426 10.92 12.28 -17.54
CA LEU A 426 9.98 11.17 -17.68
C LEU A 426 9.68 11.00 -19.16
N GLU A 427 9.40 12.11 -19.83
CA GLU A 427 9.07 12.10 -21.25
C GLU A 427 10.21 11.59 -22.16
N SER A 428 11.45 12.02 -21.91
CA SER A 428 12.54 11.55 -22.77
C SER A 428 12.90 10.08 -22.49
N ALA A 429 12.80 9.66 -21.24
CA ALA A 429 13.00 8.25 -20.89
C ALA A 429 11.94 7.36 -21.53
N MET A 430 10.69 7.82 -21.53
CA MET A 430 9.61 7.08 -22.16
C MET A 430 9.93 6.79 -23.63
N GLN A 431 10.42 7.80 -24.34
CA GLN A 431 10.76 7.63 -25.76
C GLN A 431 11.94 6.70 -25.99
N LYS A 432 12.96 6.80 -25.13
CA LYS A 432 14.09 5.87 -25.21
C LYS A 432 13.66 4.44 -24.95
N ALA A 433 12.51 4.28 -24.28
CA ALA A 433 11.97 2.98 -23.94
C ALA A 433 10.87 2.54 -24.92
N GLN A 434 10.96 3.01 -26.16
CA GLN A 434 10.04 2.59 -27.21
C GLN A 434 10.85 2.36 -28.48
N SER A 435 10.64 1.21 -29.10
CA SER A 435 11.37 0.87 -30.28
C SER A 435 10.43 0.12 -31.21
N VAL A 436 10.24 0.66 -32.41
CA VAL A 436 9.43 0.03 -33.46
C VAL A 436 9.81 -1.43 -33.72
N SER A 437 11.11 -1.74 -33.69
CA SER A 437 11.53 -3.12 -33.82
C SER A 437 11.94 -3.63 -32.46
N PHE A 438 11.41 -4.78 -32.09
CA PHE A 438 11.62 -5.28 -30.73
C PHE A 438 11.78 -6.78 -30.83
N GLY A 439 12.21 -7.39 -29.73
CA GLY A 439 12.29 -8.84 -29.65
C GLY A 439 11.41 -9.33 -28.52
N GLY A 440 11.38 -10.64 -28.32
CA GLY A 440 10.56 -11.25 -27.31
C GLY A 440 11.02 -10.79 -25.94
N THR A 441 10.08 -10.64 -25.02
CA THR A 441 10.44 -10.22 -23.67
C THR A 441 10.93 -11.44 -22.85
N ASP A 442 12.20 -11.79 -23.05
CA ASP A 442 12.76 -13.00 -22.43
C ASP A 442 13.47 -12.64 -21.13
N CYS A 443 12.88 -13.04 -20.00
CA CYS A 443 13.39 -12.62 -18.70
C CYS A 443 14.71 -13.29 -18.34
N ALA A 444 15.14 -14.29 -19.13
CA ALA A 444 16.42 -14.93 -18.88
C ALA A 444 17.54 -14.10 -19.49
N GLN A 445 17.20 -13.39 -20.55
CA GLN A 445 18.18 -12.76 -21.41
C GLN A 445 19.06 -11.64 -20.75
N PRO A 446 18.48 -10.81 -19.88
CA PRO A 446 19.31 -9.80 -19.21
C PRO A 446 20.39 -10.48 -18.36
N ILE A 447 20.04 -11.62 -17.76
CA ILE A 447 20.95 -12.35 -16.89
C ILE A 447 22.04 -13.06 -17.69
N LEU A 448 21.64 -13.67 -18.80
CA LEU A 448 22.61 -14.26 -19.71
C LEU A 448 23.55 -13.16 -20.24
N TRP A 449 22.98 -12.03 -20.64
CA TRP A 449 23.76 -10.94 -21.19
C TRP A 449 24.80 -10.42 -20.19
N ALA A 450 24.38 -10.19 -18.95
CA ALA A 450 25.28 -9.64 -17.95
C ALA A 450 26.46 -10.58 -17.69
N ALA A 451 26.20 -11.89 -17.67
CA ALA A 451 27.26 -12.87 -17.44
C ALA A 451 28.26 -12.87 -18.60
N GLN A 452 27.72 -12.85 -19.82
CA GLN A 452 28.52 -12.70 -21.03
C GLN A 452 29.39 -11.45 -20.99
N GLU A 453 28.84 -10.35 -20.48
CA GLU A 453 29.59 -9.10 -20.41
C GLU A 453 30.39 -8.98 -19.11
N ARG A 454 30.37 -10.02 -18.29
CA ARG A 454 30.97 -9.99 -16.96
C ARG A 454 30.64 -8.72 -16.17
N LEU A 455 29.38 -8.30 -16.28
CA LEU A 455 28.86 -7.16 -15.51
C LEU A 455 28.41 -7.62 -14.13
N ASP A 456 28.88 -6.93 -13.09
CA ASP A 456 28.44 -7.23 -11.74
C ASP A 456 27.06 -6.63 -11.50
N VAL A 457 26.08 -7.48 -11.25
CA VAL A 457 24.69 -7.06 -11.00
C VAL A 457 24.16 -7.78 -9.77
N ASP A 458 23.58 -7.03 -8.83
CA ASP A 458 22.93 -7.63 -7.68
C ASP A 458 21.45 -7.94 -7.96
N THR A 459 20.77 -7.01 -8.62
CA THR A 459 19.30 -7.10 -8.79
C THR A 459 18.91 -6.89 -10.24
N PHE A 460 18.31 -7.90 -10.86
CA PHE A 460 17.80 -7.74 -12.23
C PHE A 460 16.31 -7.42 -12.11
N VAL A 461 15.82 -6.43 -12.85
CA VAL A 461 14.39 -6.13 -12.84
C VAL A 461 13.88 -6.03 -14.27
N VAL A 462 12.87 -6.82 -14.59
CA VAL A 462 12.29 -6.78 -15.92
C VAL A 462 10.94 -6.08 -15.83
N TYR A 463 10.71 -5.12 -16.72
CA TYR A 463 9.42 -4.46 -16.77
C TYR A 463 8.72 -4.80 -18.08
N THR A 464 7.48 -5.31 -17.96
CA THR A 464 6.68 -5.65 -19.13
C THR A 464 5.21 -5.25 -18.85
N ASP A 465 4.33 -5.41 -19.83
CA ASP A 465 2.92 -5.12 -19.57
C ASP A 465 2.28 -6.41 -19.09
N ASN A 466 2.01 -7.30 -20.05
CA ASN A 466 1.57 -8.62 -19.71
C ASN A 466 2.12 -9.66 -20.70
N GLU A 467 3.33 -9.47 -21.20
CA GLU A 467 3.83 -10.33 -22.27
C GLU A 467 5.24 -10.88 -22.09
N THR A 468 5.47 -11.61 -21.00
CA THR A 468 6.67 -12.41 -20.89
C THR A 468 6.62 -13.47 -22.01
N TRP A 469 7.79 -13.77 -22.55
CA TRP A 469 7.92 -14.69 -23.67
C TRP A 469 9.04 -15.63 -23.25
N ALA A 470 8.80 -16.94 -23.33
CA ALA A 470 9.81 -17.90 -22.94
C ALA A 470 10.86 -18.11 -24.04
N GLY A 471 12.12 -17.93 -23.66
CA GLY A 471 13.23 -18.24 -24.54
C GLY A 471 13.67 -19.68 -24.34
N GLN A 472 14.79 -20.04 -24.94
CA GLN A 472 15.29 -21.42 -24.86
C GLN A 472 15.93 -21.73 -23.49
N VAL A 473 16.35 -20.70 -22.76
CA VAL A 473 16.90 -20.89 -21.42
C VAL A 473 15.98 -20.30 -20.36
N HIS A 474 15.67 -21.05 -19.31
CA HIS A 474 14.81 -20.51 -18.26
C HIS A 474 15.65 -19.59 -17.38
N PRO A 475 15.02 -18.54 -16.85
CA PRO A 475 15.75 -17.64 -15.94
C PRO A 475 16.40 -18.36 -14.76
N THR A 476 15.86 -19.49 -14.30
CA THR A 476 16.48 -20.20 -13.17
C THR A 476 17.87 -20.71 -13.55
N VAL A 477 17.97 -21.30 -14.74
CA VAL A 477 19.25 -21.75 -15.29
C VAL A 477 20.18 -20.55 -15.50
N ALA A 478 19.62 -19.47 -16.05
CA ALA A 478 20.37 -18.23 -16.22
C ALA A 478 21.00 -17.75 -14.91
N LEU A 479 20.21 -17.69 -13.85
CA LEU A 479 20.70 -17.20 -12.58
C LEU A 479 21.82 -18.11 -12.00
N ASP A 480 21.65 -19.42 -12.15
CA ASP A 480 22.66 -20.39 -11.77
C ASP A 480 23.98 -20.14 -12.53
N GLN A 481 23.87 -20.02 -13.84
CA GLN A 481 25.03 -19.75 -14.69
C GLN A 481 25.75 -18.46 -14.31
N TYR A 482 25.00 -17.43 -13.94
CA TYR A 482 25.61 -16.17 -13.51
C TYR A 482 26.42 -16.38 -12.24
N ALA A 483 25.79 -17.02 -11.25
CA ALA A 483 26.46 -17.31 -9.99
C ALA A 483 27.72 -18.11 -10.25
N GLN A 484 27.63 -19.11 -11.12
CA GLN A 484 28.77 -19.96 -11.44
C GLN A 484 29.94 -19.22 -12.10
N LYS A 485 29.63 -18.22 -12.92
CA LYS A 485 30.66 -17.50 -13.64
C LYS A 485 31.18 -16.29 -12.89
N MET A 486 30.34 -15.69 -12.07
CA MET A 486 30.68 -14.40 -11.45
C MET A 486 30.94 -14.48 -9.95
N GLY A 487 30.57 -15.60 -9.35
CA GLY A 487 30.81 -15.82 -7.93
C GLY A 487 29.87 -15.11 -6.96
N ARG A 488 28.76 -14.59 -7.50
CA ARG A 488 27.71 -13.94 -6.72
C ARG A 488 26.36 -14.46 -7.19
N ALA A 489 25.41 -14.55 -6.28
CA ALA A 489 24.05 -14.92 -6.65
C ALA A 489 23.11 -13.70 -6.68
N PRO A 490 22.72 -13.27 -7.88
CA PRO A 490 21.89 -12.06 -7.89
C PRO A 490 20.41 -12.44 -7.69
N LYS A 491 19.53 -11.45 -7.75
CA LYS A 491 18.10 -11.71 -7.67
C LYS A 491 17.42 -11.24 -8.96
N LEU A 492 16.25 -11.77 -9.23
CA LEU A 492 15.48 -11.35 -10.41
C LEU A 492 14.06 -10.96 -9.98
N ILE A 493 13.60 -9.79 -10.42
CA ILE A 493 12.22 -9.38 -10.20
C ILE A 493 11.62 -9.22 -11.58
N VAL A 494 10.49 -9.88 -11.83
CA VAL A 494 9.73 -9.69 -13.06
C VAL A 494 8.42 -8.97 -12.73
N VAL A 495 8.25 -7.79 -13.33
CA VAL A 495 7.08 -6.98 -13.11
C VAL A 495 6.16 -7.01 -14.35
N GLY A 496 5.00 -7.64 -14.20
CA GLY A 496 3.97 -7.54 -15.22
C GLY A 496 3.02 -6.43 -14.83
N LEU A 497 3.31 -5.23 -15.33
CA LEU A 497 2.66 -4.00 -14.88
C LEU A 497 1.13 -4.02 -15.05
N THR A 498 0.64 -4.71 -16.07
CA THR A 498 -0.81 -4.86 -16.27
C THR A 498 -1.23 -6.33 -16.31
N ALA A 499 -0.39 -7.22 -15.74
CA ALA A 499 -0.64 -8.64 -15.75
C ALA A 499 -1.72 -9.02 -14.73
N THR A 500 -2.43 -10.11 -15.00
CA THR A 500 -3.35 -10.65 -14.01
C THR A 500 -2.76 -11.95 -13.46
N GLU A 501 -1.95 -12.63 -14.27
CA GLU A 501 -1.29 -13.87 -13.86
C GLU A 501 -0.16 -14.28 -14.81
N PHE A 502 0.98 -14.63 -14.23
CA PHE A 502 2.09 -15.25 -14.95
C PHE A 502 2.97 -15.93 -13.90
N SER A 503 3.86 -16.81 -14.32
CA SER A 503 4.75 -17.43 -13.34
C SER A 503 6.14 -17.69 -13.90
N ILE A 504 7.12 -17.06 -13.26
CA ILE A 504 8.52 -17.13 -13.67
C ILE A 504 9.33 -17.54 -12.47
N ALA A 505 9.06 -16.87 -11.35
CA ALA A 505 9.72 -17.17 -10.09
C ALA A 505 9.50 -18.62 -9.66
N ASP A 506 10.58 -19.29 -9.32
CA ASP A 506 10.52 -20.65 -8.79
C ASP A 506 10.18 -20.63 -7.31
N PRO A 507 9.00 -21.17 -6.95
CA PRO A 507 8.51 -21.19 -5.56
C PRO A 507 9.54 -21.82 -4.63
N GLN A 508 10.32 -22.76 -5.17
CA GLN A 508 11.35 -23.44 -4.40
C GLN A 508 12.62 -22.60 -4.20
N ARG A 509 12.77 -21.52 -4.95
CA ARG A 509 13.94 -20.66 -4.79
C ARG A 509 13.59 -19.43 -3.96
N ARG A 510 14.61 -18.70 -3.54
CA ARG A 510 14.39 -17.47 -2.77
C ARG A 510 14.84 -16.25 -3.54
N ASP A 511 15.53 -16.46 -4.66
CA ASP A 511 16.16 -15.36 -5.39
C ASP A 511 15.26 -14.75 -6.48
N MET A 512 13.96 -15.04 -6.44
CA MET A 512 13.06 -14.61 -7.51
C MET A 512 11.75 -14.06 -6.98
N LEU A 513 11.26 -13.02 -7.63
CA LEU A 513 9.99 -12.40 -7.23
C LEU A 513 9.21 -12.02 -8.48
N ASP A 514 7.94 -12.41 -8.55
CA ASP A 514 7.03 -11.96 -9.59
C ASP A 514 6.10 -10.92 -8.98
N VAL A 515 5.98 -9.77 -9.63
CA VAL A 515 5.03 -8.75 -9.24
C VAL A 515 3.97 -8.71 -10.31
N VAL A 516 2.75 -9.08 -9.92
CA VAL A 516 1.65 -9.19 -10.86
C VAL A 516 0.77 -7.94 -10.70
N GLY A 517 0.76 -7.11 -11.72
CA GLY A 517 0.13 -5.81 -11.62
C GLY A 517 1.06 -4.82 -10.95
N PHE A 518 0.50 -3.70 -10.52
CA PHE A 518 1.27 -2.70 -9.81
C PHE A 518 0.33 -1.93 -8.92
N ASP A 519 0.89 -1.34 -7.88
CA ASP A 519 0.18 -0.42 -7.02
C ASP A 519 1.21 0.33 -6.18
N ALA A 520 0.72 1.15 -5.28
CA ALA A 520 1.56 2.02 -4.48
C ALA A 520 2.53 1.26 -3.56
N ALA A 521 2.17 0.04 -3.17
CA ALA A 521 3.02 -0.75 -2.29
C ALA A 521 4.14 -1.51 -3.03
N ALA A 522 4.03 -1.61 -4.35
CA ALA A 522 4.92 -2.49 -5.10
C ALA A 522 6.40 -2.05 -5.01
N PRO A 523 6.68 -0.75 -5.16
CA PRO A 523 8.10 -0.32 -5.12
C PRO A 523 8.80 -0.66 -3.82
N ASN A 524 8.13 -0.45 -2.69
CA ASN A 524 8.74 -0.77 -1.40
C ASN A 524 8.94 -2.28 -1.21
N VAL A 525 8.01 -3.06 -1.72
CA VAL A 525 8.16 -4.51 -1.67
C VAL A 525 9.37 -4.94 -2.52
N MET A 526 9.53 -4.31 -3.68
CA MET A 526 10.61 -4.70 -4.59
C MET A 526 11.93 -4.36 -3.95
N THR A 527 11.98 -3.18 -3.32
CA THR A 527 13.19 -2.74 -2.64
C THR A 527 13.49 -3.66 -1.46
N ALA A 528 12.47 -3.99 -0.68
CA ALA A 528 12.69 -4.88 0.47
C ALA A 528 13.20 -6.23 0.00
N PHE A 529 12.62 -6.73 -1.09
CA PHE A 529 13.07 -7.99 -1.67
C PHE A 529 14.52 -7.92 -2.12
N ALA A 530 14.89 -6.85 -2.80
CA ALA A 530 16.25 -6.72 -3.33
C ALA A 530 17.28 -6.66 -2.20
N ARG A 531 16.87 -6.07 -1.08
CA ARG A 531 17.73 -5.98 0.10
C ARG A 531 17.83 -7.30 0.84
N GLY A 532 17.09 -8.31 0.37
CA GLY A 532 17.09 -9.62 1.01
C GLY A 532 16.14 -9.76 2.19
N GLU A 533 15.19 -8.85 2.34
CA GLU A 533 14.28 -8.84 3.48
C GLU A 533 12.91 -9.53 3.26
N VAL A 534 12.70 -10.13 2.10
CA VAL A 534 11.39 -10.73 1.83
C VAL A 534 11.48 -12.20 1.40
CA CA B . 4.30 -6.29 -26.55
#